data_4LFL
#
_entry.id   4LFL
#
_cell.length_a   108.076
_cell.length_b   116.114
_cell.length_c   54.492
_cell.angle_alpha   90.000
_cell.angle_beta   90.000
_cell.angle_gamma   90.000
#
_symmetry.space_group_name_H-M   'P 21 21 2'
#
loop_
_entity.id
_entity.type
_entity.pdbx_description
1 polymer 'Galactose-6-phosphate isomerase subunit A'
2 polymer 'Galactose-6-phosphate isomerase subunit B'
3 non-polymer 6-O-phosphono-D-tagatose
4 water water
#
loop_
_entity_poly.entity_id
_entity_poly.type
_entity_poly.pdbx_seq_one_letter_code
_entity_poly.pdbx_strand_id
1 'polypeptide(L)'
;MGSSHHHHHHSSGLVPRGSHMDVIIGADKDGFAMKEQVKKYLEEHQYRVADVTPEPAEDFVESSLAVTKKLLNSDAHKAI
MFDRYGVGSAMASNKVKGMVTAVVEEENTAHMTAEHNGAKAIAIGTGITGYDRALVIIQRYLDTEYAGGRHQIRLDMLEK
MI
;
A,C
2 'polypeptide(L)'
;MIIAIGNDHIVTMQKIEISNMLKDMGYTVIDEGTYDTHRTHYPIYGKKVAEDVADGRADLGIVMCGTGIGISTAADKNEG
IRAAMCDDVTSAVYAREQLNANVLGIGGAVVGVHLIQDIVKAYLDATYKETPENKKLIDKIDNIAKPNPDQKDNPHFFDA
ELEKWAEGVYHD
;
B,D
#
# COMPACT_ATOMS: atom_id res chain seq x y z
N MET A 21 -28.00 9.41 -1.49
CA MET A 21 -27.55 8.01 -1.25
C MET A 21 -27.49 7.70 0.25
N ASP A 22 -27.71 6.44 0.59
CA ASP A 22 -27.67 6.02 1.99
C ASP A 22 -26.37 5.28 2.29
N VAL A 23 -25.88 5.45 3.51
CA VAL A 23 -24.65 4.81 3.95
C VAL A 23 -24.82 4.38 5.41
N ILE A 24 -24.41 3.16 5.72
CA ILE A 24 -24.49 2.66 7.08
C ILE A 24 -23.07 2.67 7.65
N ILE A 25 -22.91 3.19 8.88
CA ILE A 25 -21.59 3.21 9.50
C ILE A 25 -21.63 2.66 10.92
N GLY A 26 -20.51 2.11 11.33
CA GLY A 26 -20.39 1.54 12.67
C GLY A 26 -18.92 1.43 13.04
N ALA A 27 -18.64 1.36 14.33
CA ALA A 27 -17.26 1.25 14.79
C ALA A 27 -17.15 0.76 16.22
N ASP A 28 -15.98 0.24 16.57
CA ASP A 28 -15.73 -0.19 17.93
C ASP A 28 -14.95 0.94 18.57
N LYS A 29 -14.38 0.71 19.76
CA LYS A 29 -13.65 1.76 20.44
C LYS A 29 -12.47 2.33 19.65
N ASP A 30 -11.74 1.47 18.95
CA ASP A 30 -10.58 1.91 18.17
C ASP A 30 -10.95 2.67 16.90
N GLY A 31 -12.10 2.35 16.32
CA GLY A 31 -12.49 3.03 15.10
C GLY A 31 -13.47 4.17 15.28
N PHE A 32 -13.92 4.39 16.52
CA PHE A 32 -14.89 5.44 16.79
C PHE A 32 -14.49 6.86 16.37
N ALA A 33 -13.29 7.29 16.73
CA ALA A 33 -12.84 8.62 16.37
C ALA A 33 -12.93 8.90 14.87
N MET A 34 -12.41 7.99 14.06
CA MET A 34 -12.47 8.20 12.62
C MET A 34 -13.92 8.13 12.13
N LYS A 35 -14.69 7.22 12.71
CA LYS A 35 -16.09 7.07 12.34
C LYS A 35 -16.81 8.41 12.49
N GLU A 36 -16.58 9.07 13.62
CA GLU A 36 -17.22 10.37 13.89
C GLU A 36 -16.83 11.41 12.83
N GLN A 37 -15.56 11.41 12.44
CA GLN A 37 -15.06 12.35 11.43
C GLN A 37 -15.72 12.09 10.08
N VAL A 38 -15.78 10.82 9.70
CA VAL A 38 -16.39 10.45 8.42
C VAL A 38 -17.87 10.79 8.41
N LYS A 39 -18.54 10.61 9.55
CA LYS A 39 -19.96 10.92 9.64
C LYS A 39 -20.15 12.39 9.28
N LYS A 40 -19.33 13.25 9.88
CA LYS A 40 -19.40 14.69 9.60
C LYS A 40 -19.15 14.93 8.12
N TYR A 41 -18.18 14.21 7.57
CA TYR A 41 -17.84 14.33 6.15
C TYR A 41 -19.04 13.96 5.27
N LEU A 42 -19.64 12.81 5.55
CA LEU A 42 -20.79 12.35 4.76
C LEU A 42 -21.97 13.31 4.85
N GLU A 43 -22.27 13.79 6.05
CA GLU A 43 -23.38 14.72 6.22
C GLU A 43 -23.13 15.98 5.40
N GLU A 44 -21.90 16.48 5.42
CA GLU A 44 -21.54 17.68 4.68
C GLU A 44 -21.62 17.48 3.17
N HIS A 45 -21.61 16.23 2.72
CA HIS A 45 -21.68 15.95 1.29
C HIS A 45 -23.02 15.39 0.84
N GLN A 46 -24.06 15.73 1.60
CA GLN A 46 -25.44 15.32 1.30
C GLN A 46 -25.70 13.82 1.28
N TYR A 47 -25.18 13.11 2.29
CA TYR A 47 -25.40 11.68 2.40
C TYR A 47 -26.30 11.40 3.60
N ARG A 48 -27.26 10.50 3.43
CA ARG A 48 -28.15 10.13 4.52
C ARG A 48 -27.43 9.01 5.26
N VAL A 49 -26.94 9.34 6.45
CA VAL A 49 -26.18 8.38 7.24
C VAL A 49 -26.91 7.71 8.39
N ALA A 50 -26.76 6.39 8.47
CA ALA A 50 -27.35 5.60 9.54
C ALA A 50 -26.19 5.09 10.39
N ASP A 51 -26.05 5.66 11.57
CA ASP A 51 -24.98 5.31 12.50
C ASP A 51 -25.48 4.27 13.51
N VAL A 52 -25.04 3.03 13.36
CA VAL A 52 -25.48 1.96 14.26
C VAL A 52 -24.69 1.90 15.57
N THR A 53 -23.72 2.79 15.72
CA THR A 53 -22.91 2.82 16.94
C THR A 53 -22.66 4.24 17.44
N PRO A 54 -23.73 4.93 17.92
CA PRO A 54 -23.59 6.29 18.42
C PRO A 54 -22.52 6.32 19.51
N GLU A 55 -22.38 5.18 20.18
CA GLU A 55 -21.39 4.97 21.21
C GLU A 55 -20.57 3.80 20.69
N PRO A 56 -19.26 3.77 20.97
CA PRO A 56 -18.43 2.66 20.48
C PRO A 56 -18.93 1.28 20.90
N ALA A 57 -18.91 0.34 19.96
CA ALA A 57 -19.35 -1.02 20.23
C ALA A 57 -18.33 -1.69 21.15
N GLU A 58 -18.73 -2.79 21.78
CA GLU A 58 -17.84 -3.50 22.69
C GLU A 58 -16.58 -3.95 21.98
N ASP A 59 -16.75 -4.49 20.78
CA ASP A 59 -15.63 -4.94 19.97
C ASP A 59 -16.04 -4.90 18.49
N PHE A 60 -15.11 -5.19 17.59
CA PHE A 60 -15.42 -5.15 16.16
C PHE A 60 -16.41 -6.20 15.67
N VAL A 61 -16.61 -7.26 16.45
CA VAL A 61 -17.58 -8.27 16.03
C VAL A 61 -18.97 -7.65 16.20
N GLU A 62 -19.17 -6.99 17.34
CA GLU A 62 -20.46 -6.36 17.60
C GLU A 62 -20.76 -5.24 16.61
N SER A 63 -19.78 -4.38 16.34
CA SER A 63 -19.97 -3.29 15.41
C SER A 63 -20.18 -3.76 13.97
N SER A 64 -19.35 -4.69 13.52
CA SER A 64 -19.48 -5.19 12.16
C SER A 64 -20.78 -5.94 11.93
N LEU A 65 -21.23 -6.70 12.93
CA LEU A 65 -22.48 -7.43 12.79
C LEU A 65 -23.67 -6.47 12.82
N ALA A 66 -23.55 -5.40 13.60
CA ALA A 66 -24.63 -4.41 13.69
C ALA A 66 -24.78 -3.72 12.34
N VAL A 67 -23.65 -3.39 11.71
CA VAL A 67 -23.68 -2.74 10.40
C VAL A 67 -24.29 -3.68 9.37
N THR A 68 -23.88 -4.95 9.43
CA THR A 68 -24.38 -5.95 8.49
C THR A 68 -25.90 -6.12 8.60
N LYS A 69 -26.39 -6.26 9.83
CA LYS A 69 -27.83 -6.42 10.05
C LYS A 69 -28.60 -5.23 9.49
N LYS A 70 -28.17 -4.03 9.86
CA LYS A 70 -28.83 -2.81 9.40
C LYS A 70 -28.82 -2.74 7.87
N LEU A 71 -27.67 -3.09 7.29
CA LEU A 71 -27.52 -3.05 5.84
C LEU A 71 -28.41 -4.05 5.11
N LEU A 72 -28.28 -5.33 5.46
CA LEU A 72 -29.07 -6.38 4.82
C LEU A 72 -30.58 -6.23 5.04
N ASN A 73 -30.95 -5.28 5.89
CA ASN A 73 -32.36 -5.02 6.18
C ASN A 73 -32.80 -3.65 5.70
N SER A 74 -31.84 -2.85 5.24
CA SER A 74 -32.13 -1.50 4.75
C SER A 74 -32.10 -1.45 3.23
N ASP A 75 -32.42 -0.28 2.68
CA ASP A 75 -32.42 -0.10 1.23
C ASP A 75 -31.05 0.38 0.78
N ALA A 76 -30.19 0.71 1.74
CA ALA A 76 -28.84 1.18 1.44
C ALA A 76 -28.01 0.05 0.88
N HIS A 77 -27.04 0.38 0.04
CA HIS A 77 -26.17 -0.63 -0.55
C HIS A 77 -24.70 -0.26 -0.33
N LYS A 78 -24.46 0.66 0.59
CA LYS A 78 -23.10 1.10 0.92
C LYS A 78 -22.97 1.14 2.43
N ALA A 79 -21.82 0.72 2.94
CA ALA A 79 -21.59 0.72 4.38
C ALA A 79 -20.09 0.82 4.68
N ILE A 80 -19.76 1.36 5.84
CA ILE A 80 -18.37 1.52 6.25
C ILE A 80 -18.21 1.08 7.71
N MET A 81 -17.31 0.14 7.94
CA MET A 81 -17.03 -0.36 9.28
C MET A 81 -15.66 0.17 9.71
N PHE A 82 -15.55 0.56 10.98
CA PHE A 82 -14.30 1.08 11.49
C PHE A 82 -13.80 0.30 12.71
N ASP A 83 -12.50 -0.01 12.70
CA ASP A 83 -11.85 -0.68 13.81
C ASP A 83 -10.37 -0.40 13.68
N ARG A 84 -9.55 -1.02 14.51
CA ARG A 84 -8.12 -0.76 14.47
C ARG A 84 -7.39 -1.26 13.24
N TYR A 85 -7.74 -2.44 12.75
CA TYR A 85 -7.05 -3.02 11.60
C TYR A 85 -7.89 -3.34 10.36
N GLY A 86 -9.20 -3.29 10.49
CA GLY A 86 -10.06 -3.60 9.35
C GLY A 86 -10.29 -5.08 9.19
N VAL A 87 -9.19 -5.84 9.30
CA VAL A 87 -9.22 -7.30 9.17
C VAL A 87 -10.33 -7.97 9.98
N GLY A 88 -10.42 -7.59 11.26
CA GLY A 88 -11.43 -8.18 12.11
C GLY A 88 -12.87 -7.96 11.69
N SER A 89 -13.23 -6.72 11.38
CA SER A 89 -14.59 -6.41 10.97
C SER A 89 -14.98 -7.18 9.72
N ALA A 90 -14.04 -7.34 8.80
CA ALA A 90 -14.31 -8.07 7.57
C ALA A 90 -14.40 -9.57 7.86
N MET A 91 -13.44 -10.09 8.63
CA MET A 91 -13.42 -11.50 8.98
C MET A 91 -14.73 -11.91 9.67
N ALA A 92 -15.21 -11.07 10.57
CA ALA A 92 -16.45 -11.38 11.28
C ALA A 92 -17.69 -11.23 10.41
N SER A 93 -17.86 -10.06 9.81
CA SER A 93 -19.05 -9.82 8.99
C SER A 93 -19.17 -10.75 7.79
N ASN A 94 -18.05 -11.18 7.22
CA ASN A 94 -18.12 -12.08 6.08
C ASN A 94 -18.66 -13.46 6.42
N LYS A 95 -18.74 -13.77 7.71
CA LYS A 95 -19.28 -15.06 8.13
C LYS A 95 -20.81 -15.06 7.96
N VAL A 96 -21.39 -13.87 7.87
CA VAL A 96 -22.83 -13.78 7.69
C VAL A 96 -23.20 -14.14 6.26
N LYS A 97 -24.19 -15.03 6.10
CA LYS A 97 -24.60 -15.45 4.77
C LYS A 97 -25.13 -14.28 3.95
N GLY A 98 -24.60 -14.12 2.74
CA GLY A 98 -25.01 -13.04 1.87
C GLY A 98 -24.20 -11.77 2.00
N MET A 99 -23.42 -11.65 3.07
CA MET A 99 -22.62 -10.45 3.29
C MET A 99 -21.29 -10.50 2.57
N VAL A 100 -20.84 -9.34 2.10
CA VAL A 100 -19.55 -9.22 1.42
C VAL A 100 -18.91 -7.93 1.92
N THR A 101 -17.83 -8.08 2.68
CA THR A 101 -17.13 -6.94 3.24
C THR A 101 -15.69 -6.93 2.78
N ALA A 102 -15.24 -5.77 2.32
CA ALA A 102 -13.88 -5.62 1.85
C ALA A 102 -13.02 -4.75 2.75
N VAL A 103 -11.89 -5.28 3.20
CA VAL A 103 -10.96 -4.47 3.99
C VAL A 103 -10.31 -3.62 2.91
N VAL A 104 -10.25 -2.31 3.09
CA VAL A 104 -9.63 -1.45 2.09
C VAL A 104 -8.58 -0.55 2.69
N GLU A 105 -7.39 -0.53 2.08
CA GLU A 105 -6.32 0.32 2.55
C GLU A 105 -5.62 1.07 1.42
N GLU A 106 -6.09 0.90 0.20
CA GLU A 106 -5.54 1.65 -0.93
C GLU A 106 -6.65 2.01 -1.90
N GLU A 107 -6.36 2.95 -2.78
CA GLU A 107 -7.33 3.50 -3.71
C GLU A 107 -7.82 2.70 -4.91
N ASN A 108 -7.17 1.58 -5.22
CA ASN A 108 -7.64 0.79 -6.35
C ASN A 108 -8.75 -0.14 -5.87
N THR A 109 -8.50 -0.86 -4.79
CA THR A 109 -9.51 -1.75 -4.26
C THR A 109 -10.77 -0.96 -3.89
N ALA A 110 -10.58 0.27 -3.46
CA ALA A 110 -11.70 1.14 -3.06
C ALA A 110 -12.80 1.14 -4.10
N HIS A 111 -12.43 1.21 -5.38
CA HIS A 111 -13.46 1.19 -6.43
C HIS A 111 -13.66 -0.21 -7.04
N MET A 112 -12.58 -0.95 -7.22
CA MET A 112 -12.70 -2.29 -7.81
C MET A 112 -13.55 -3.25 -7.00
N THR A 113 -13.53 -3.16 -5.67
CA THR A 113 -14.34 -4.10 -4.89
C THR A 113 -15.82 -3.79 -5.08
N ALA A 114 -16.15 -2.52 -5.35
CA ALA A 114 -17.54 -2.16 -5.58
C ALA A 114 -17.93 -2.60 -7.00
N GLU A 115 -17.07 -2.30 -7.97
CA GLU A 115 -17.34 -2.66 -9.37
C GLU A 115 -17.49 -4.15 -9.60
N HIS A 116 -16.55 -4.94 -9.10
CA HIS A 116 -16.56 -6.38 -9.30
C HIS A 116 -17.26 -7.18 -8.20
N ASN A 117 -16.99 -6.85 -6.94
CA ASN A 117 -17.59 -7.58 -5.83
C ASN A 117 -18.91 -7.00 -5.32
N GLY A 118 -19.26 -5.79 -5.76
CA GLY A 118 -20.48 -5.18 -5.28
C GLY A 118 -20.44 -5.15 -3.77
N ALA A 119 -19.23 -5.04 -3.23
CA ALA A 119 -19.00 -5.02 -1.80
C ALA A 119 -20.10 -4.28 -1.05
N LYS A 120 -20.75 -4.97 -0.13
CA LYS A 120 -21.84 -4.39 0.64
C LYS A 120 -21.30 -3.45 1.70
N ALA A 121 -20.02 -3.57 2.01
CA ALA A 121 -19.39 -2.70 3.00
C ALA A 121 -17.89 -2.76 2.87
N ILE A 122 -17.21 -1.71 3.35
CA ILE A 122 -15.76 -1.71 3.37
C ILE A 122 -15.35 -1.54 4.82
N ALA A 123 -14.18 -2.06 5.17
CA ALA A 123 -13.70 -1.97 6.53
C ALA A 123 -12.36 -1.23 6.51
N ILE A 124 -12.27 -0.18 7.32
CA ILE A 124 -11.08 0.63 7.40
C ILE A 124 -10.42 0.48 8.77
N GLY A 125 -9.11 0.22 8.76
CA GLY A 125 -8.37 0.07 10.00
C GLY A 125 -7.74 1.39 10.38
N THR A 126 -8.19 1.98 11.48
CA THR A 126 -7.68 3.27 11.91
C THR A 126 -6.21 3.28 12.31
N GLY A 127 -5.66 2.10 12.61
CA GLY A 127 -4.26 2.03 12.98
C GLY A 127 -3.39 1.79 11.76
N ILE A 128 -4.05 1.56 10.62
CA ILE A 128 -3.37 1.28 9.36
C ILE A 128 -3.46 2.44 8.36
N THR A 129 -4.67 2.96 8.20
CA THR A 129 -4.96 4.01 7.23
C THR A 129 -5.20 5.39 7.83
N GLY A 130 -4.45 6.38 7.33
CA GLY A 130 -4.58 7.76 7.79
C GLY A 130 -5.89 8.36 7.33
N TYR A 131 -6.36 9.41 8.00
CA TYR A 131 -7.63 10.01 7.66
C TYR A 131 -7.79 10.55 6.24
N ASP A 132 -6.81 11.30 5.76
CA ASP A 132 -6.92 11.83 4.41
C ASP A 132 -7.06 10.71 3.38
N ARG A 133 -6.29 9.64 3.58
CA ARG A 133 -6.37 8.51 2.64
C ARG A 133 -7.70 7.78 2.78
N ALA A 134 -8.19 7.68 4.02
CA ALA A 134 -9.46 7.01 4.27
C ALA A 134 -10.59 7.73 3.52
N LEU A 135 -10.54 9.06 3.50
CA LEU A 135 -11.57 9.83 2.82
C LEU A 135 -11.57 9.57 1.31
N VAL A 136 -10.38 9.47 0.71
CA VAL A 136 -10.31 9.21 -0.72
C VAL A 136 -10.83 7.80 -1.01
N ILE A 137 -10.49 6.86 -0.14
CA ILE A 137 -10.94 5.48 -0.29
C ILE A 137 -12.45 5.43 -0.20
N ILE A 138 -12.99 6.11 0.81
CA ILE A 138 -14.44 6.14 1.02
C ILE A 138 -15.18 6.79 -0.15
N GLN A 139 -14.69 7.92 -0.64
CA GLN A 139 -15.37 8.58 -1.74
C GLN A 139 -15.32 7.74 -3.01
N ARG A 140 -14.22 7.04 -3.25
CA ARG A 140 -14.13 6.20 -4.44
C ARG A 140 -15.10 5.02 -4.32
N TYR A 141 -15.24 4.50 -3.11
CA TYR A 141 -16.15 3.38 -2.87
C TYR A 141 -17.60 3.83 -3.09
N LEU A 142 -17.96 4.95 -2.49
CA LEU A 142 -19.32 5.47 -2.64
C LEU A 142 -19.65 5.89 -4.06
N ASP A 143 -18.65 6.34 -4.82
CA ASP A 143 -18.89 6.78 -6.18
C ASP A 143 -18.95 5.68 -7.22
N THR A 144 -18.66 4.45 -6.83
CA THR A 144 -18.66 3.34 -7.79
C THR A 144 -19.81 2.37 -7.65
N GLU A 145 -20.44 2.06 -8.78
CA GLU A 145 -21.56 1.14 -8.79
C GLU A 145 -21.12 -0.25 -9.24
N TYR A 146 -21.82 -1.26 -8.73
CA TYR A 146 -21.55 -2.65 -9.08
C TYR A 146 -21.83 -2.83 -10.57
N ALA A 147 -20.89 -3.44 -11.28
CA ALA A 147 -21.02 -3.64 -12.73
C ALA A 147 -21.96 -4.76 -13.15
N GLY A 148 -22.20 -5.72 -12.27
CA GLY A 148 -23.07 -6.83 -12.62
C GLY A 148 -22.52 -7.60 -13.82
N GLY A 149 -23.41 -8.06 -14.69
CA GLY A 149 -22.97 -8.81 -15.84
C GLY A 149 -22.27 -10.09 -15.47
N ARG A 150 -21.10 -10.34 -16.08
CA ARG A 150 -20.34 -11.55 -15.81
C ARG A 150 -19.92 -11.73 -14.36
N HIS A 151 -19.77 -10.63 -13.64
CA HIS A 151 -19.35 -10.70 -12.24
C HIS A 151 -20.40 -11.33 -11.33
N GLN A 152 -21.65 -11.36 -11.80
CA GLN A 152 -22.72 -11.91 -10.98
C GLN A 152 -22.50 -13.38 -10.59
N ILE A 153 -21.82 -14.15 -11.42
CA ILE A 153 -21.60 -15.55 -11.08
C ILE A 153 -20.80 -15.66 -9.78
N ARG A 154 -19.79 -14.80 -9.62
CA ARG A 154 -18.99 -14.85 -8.41
C ARG A 154 -19.78 -14.43 -7.19
N LEU A 155 -20.67 -13.46 -7.36
CA LEU A 155 -21.49 -13.01 -6.25
C LEU A 155 -22.51 -14.08 -5.89
N ASP A 156 -23.03 -14.77 -6.88
CA ASP A 156 -24.01 -15.83 -6.64
C ASP A 156 -23.32 -16.93 -5.86
N MET A 157 -22.06 -17.21 -6.19
CA MET A 157 -21.29 -18.23 -5.50
C MET A 157 -21.07 -17.83 -4.04
N LEU A 158 -20.68 -16.58 -3.82
CA LEU A 158 -20.45 -16.10 -2.45
C LEU A 158 -21.75 -16.13 -1.63
N GLU A 159 -22.84 -15.69 -2.24
CA GLU A 159 -24.15 -15.65 -1.57
C GLU A 159 -24.59 -17.04 -1.10
N LYS A 160 -24.17 -18.04 -1.85
CA LYS A 160 -24.50 -19.44 -1.57
C LYS A 160 -23.79 -20.02 -0.36
N MET A 161 -22.62 -19.46 -0.05
CA MET A 161 -21.80 -19.94 1.07
C MET A 161 -22.30 -19.48 2.43
N ILE A 162 -21.87 -20.18 3.49
CA ILE A 162 -22.31 -19.86 4.85
C ILE A 162 -21.84 -18.49 5.34
N MET B 1 5.92 -28.22 7.43
CA MET B 1 4.58 -27.56 7.42
C MET B 1 4.02 -27.55 6.01
N ILE B 2 2.70 -27.65 5.91
CA ILE B 2 2.03 -27.67 4.61
C ILE B 2 1.20 -26.41 4.40
N ILE B 3 1.41 -25.74 3.26
CA ILE B 3 0.67 -24.53 2.95
C ILE B 3 -0.16 -24.75 1.68
N ALA B 4 -1.46 -24.49 1.77
CA ALA B 4 -2.33 -24.62 0.60
C ALA B 4 -2.43 -23.22 0.00
N ILE B 5 -2.34 -23.13 -1.32
CA ILE B 5 -2.43 -21.83 -1.97
C ILE B 5 -3.40 -21.88 -3.14
N GLY B 6 -4.08 -20.76 -3.39
CA GLY B 6 -5.04 -20.68 -4.47
C GLY B 6 -5.12 -19.28 -5.04
N ASN B 7 -5.73 -19.14 -6.21
CA ASN B 7 -5.80 -17.83 -6.87
C ASN B 7 -6.75 -17.87 -8.04
N ASP B 8 -7.09 -16.69 -8.57
CA ASP B 8 -7.89 -16.67 -9.78
C ASP B 8 -6.91 -16.31 -10.88
N HIS B 9 -7.40 -16.21 -12.12
CA HIS B 9 -6.55 -15.94 -13.28
C HIS B 9 -5.80 -14.62 -13.34
N ILE B 10 -6.27 -13.62 -12.58
CA ILE B 10 -5.62 -12.32 -12.61
C ILE B 10 -4.24 -12.31 -11.97
N VAL B 11 -4.03 -13.19 -10.99
CA VAL B 11 -2.75 -13.19 -10.29
C VAL B 11 -1.97 -14.50 -10.27
N THR B 12 -2.17 -15.34 -11.29
CA THR B 12 -1.45 -16.61 -11.35
C THR B 12 0.06 -16.41 -11.29
N MET B 13 0.57 -15.36 -11.91
CA MET B 13 2.02 -15.11 -11.92
C MET B 13 2.52 -14.81 -10.52
N GLN B 14 1.75 -14.04 -9.76
CA GLN B 14 2.14 -13.71 -8.40
C GLN B 14 2.08 -14.98 -7.53
N LYS B 15 1.09 -15.82 -7.78
CA LYS B 15 0.95 -17.06 -7.01
C LYS B 15 2.18 -17.93 -7.25
N ILE B 16 2.62 -18.00 -8.50
CA ILE B 16 3.78 -18.80 -8.84
C ILE B 16 5.01 -18.31 -8.09
N GLU B 17 5.17 -16.99 -8.00
CA GLU B 17 6.33 -16.43 -7.29
C GLU B 17 6.29 -16.83 -5.81
N ILE B 18 5.11 -16.79 -5.21
CA ILE B 18 4.99 -17.14 -3.80
C ILE B 18 5.17 -18.65 -3.59
N SER B 19 4.67 -19.44 -4.54
CA SER B 19 4.80 -20.89 -4.45
C SER B 19 6.30 -21.23 -4.45
N ASN B 20 7.03 -20.62 -5.38
CA ASN B 20 8.47 -20.84 -5.50
C ASN B 20 9.15 -20.49 -4.17
N MET B 21 8.80 -19.34 -3.62
CA MET B 21 9.40 -18.89 -2.36
C MET B 21 9.10 -19.85 -1.21
N LEU B 22 7.85 -20.28 -1.10
CA LEU B 22 7.47 -21.19 -0.03
C LEU B 22 8.27 -22.48 -0.08
N LYS B 23 8.50 -23.01 -1.28
CA LYS B 23 9.26 -24.23 -1.43
C LYS B 23 10.72 -24.01 -1.09
N ASP B 24 11.27 -22.86 -1.49
CA ASP B 24 12.66 -22.55 -1.17
C ASP B 24 12.82 -22.43 0.35
N MET B 25 11.76 -22.03 1.02
CA MET B 25 11.79 -21.89 2.49
C MET B 25 11.61 -23.22 3.21
N GLY B 26 11.33 -24.27 2.46
CA GLY B 26 11.15 -25.58 3.08
C GLY B 26 9.73 -26.04 3.33
N TYR B 27 8.76 -25.24 2.91
CA TYR B 27 7.35 -25.59 3.08
C TYR B 27 6.90 -26.54 1.99
N THR B 28 5.92 -27.37 2.31
CA THR B 28 5.34 -28.28 1.33
C THR B 28 4.13 -27.47 0.85
N VAL B 29 3.94 -27.41 -0.46
CA VAL B 29 2.86 -26.63 -1.03
C VAL B 29 1.80 -27.46 -1.73
N ILE B 30 0.54 -27.11 -1.49
CA ILE B 30 -0.58 -27.76 -2.16
C ILE B 30 -1.20 -26.63 -2.99
N ASP B 31 -0.94 -26.63 -4.30
CA ASP B 31 -1.47 -25.60 -5.17
C ASP B 31 -2.87 -26.01 -5.65
N GLU B 32 -3.86 -25.23 -5.25
CA GLU B 32 -5.27 -25.46 -5.58
C GLU B 32 -5.80 -24.45 -6.58
N GLY B 33 -5.43 -23.17 -6.35
CA GLY B 33 -5.84 -22.04 -7.19
C GLY B 33 -5.72 -22.39 -8.65
N THR B 34 -6.16 -21.51 -9.54
CA THR B 34 -6.08 -21.84 -10.95
C THR B 34 -4.64 -21.90 -11.43
N TYR B 35 -4.39 -22.80 -12.38
CA TYR B 35 -3.05 -23.05 -12.90
C TYR B 35 -2.62 -22.25 -14.13
N ASP B 36 -3.59 -21.66 -14.82
CA ASP B 36 -3.27 -20.85 -16.00
C ASP B 36 -3.89 -19.47 -15.81
N THR B 37 -4.11 -18.71 -16.90
CA THR B 37 -4.70 -17.39 -16.75
C THR B 37 -6.02 -17.23 -17.51
N HIS B 38 -6.70 -18.35 -17.71
CA HIS B 38 -8.00 -18.38 -18.39
C HIS B 38 -9.05 -17.90 -17.40
N ARG B 39 -9.93 -17.01 -17.85
CA ARG B 39 -10.96 -16.45 -17.00
C ARG B 39 -11.71 -17.50 -16.19
N THR B 40 -11.64 -17.36 -14.86
CA THR B 40 -12.33 -18.27 -13.97
C THR B 40 -12.92 -17.53 -12.76
N HIS B 41 -13.32 -18.27 -11.73
CA HIS B 41 -14.00 -17.66 -10.58
C HIS B 41 -13.35 -17.88 -9.23
N TYR B 42 -12.98 -16.79 -8.59
CA TYR B 42 -12.29 -16.86 -7.31
C TYR B 42 -12.92 -17.70 -6.19
N PRO B 43 -14.26 -17.79 -6.11
CA PRO B 43 -14.79 -18.61 -5.01
C PRO B 43 -14.39 -20.07 -5.07
N ILE B 44 -14.20 -20.59 -6.29
CA ILE B 44 -13.83 -21.98 -6.47
C ILE B 44 -12.55 -22.33 -5.73
N TYR B 45 -11.52 -21.51 -5.93
CA TYR B 45 -10.22 -21.78 -5.33
C TYR B 45 -10.15 -21.38 -3.86
N GLY B 46 -10.90 -20.36 -3.48
CA GLY B 46 -10.93 -19.95 -2.10
C GLY B 46 -11.52 -21.07 -1.27
N LYS B 47 -12.56 -21.71 -1.80
CA LYS B 47 -13.21 -22.82 -1.10
C LYS B 47 -12.29 -24.02 -1.02
N LYS B 48 -11.57 -24.30 -2.11
CA LYS B 48 -10.66 -25.42 -2.13
C LYS B 48 -9.56 -25.27 -1.07
N VAL B 49 -8.97 -24.07 -1.01
CA VAL B 49 -7.91 -23.83 -0.03
C VAL B 49 -8.47 -23.91 1.39
N ALA B 50 -9.63 -23.30 1.60
CA ALA B 50 -10.26 -23.31 2.92
C ALA B 50 -10.47 -24.74 3.43
N GLU B 51 -10.95 -25.63 2.57
CA GLU B 51 -11.18 -27.01 3.01
C GLU B 51 -9.89 -27.76 3.28
N ASP B 52 -8.82 -27.46 2.55
CA ASP B 52 -7.54 -28.12 2.81
C ASP B 52 -7.15 -27.82 4.24
N VAL B 53 -7.28 -26.55 4.63
CA VAL B 53 -6.92 -26.13 5.99
C VAL B 53 -7.89 -26.68 7.03
N ALA B 54 -9.18 -26.58 6.76
CA ALA B 54 -10.20 -27.03 7.69
C ALA B 54 -10.20 -28.53 7.92
N ASP B 55 -9.86 -29.31 6.89
CA ASP B 55 -9.84 -30.76 6.98
C ASP B 55 -8.50 -31.31 7.46
N GLY B 56 -7.54 -30.42 7.70
CA GLY B 56 -6.23 -30.87 8.18
C GLY B 56 -5.26 -31.32 7.11
N ARG B 57 -5.57 -31.06 5.84
CA ARG B 57 -4.68 -31.43 4.76
C ARG B 57 -3.54 -30.42 4.64
N ALA B 58 -3.78 -29.23 5.18
CA ALA B 58 -2.79 -28.16 5.17
C ALA B 58 -2.86 -27.41 6.50
N ASP B 59 -1.73 -26.85 6.94
CA ASP B 59 -1.66 -26.12 8.20
C ASP B 59 -2.21 -24.70 8.06
N LEU B 60 -1.89 -24.04 6.95
CA LEU B 60 -2.35 -22.68 6.71
C LEU B 60 -2.62 -22.54 5.23
N GLY B 61 -3.36 -21.49 4.87
CA GLY B 61 -3.67 -21.24 3.48
C GLY B 61 -3.37 -19.82 3.07
N ILE B 62 -3.12 -19.62 1.79
CA ILE B 62 -2.85 -18.30 1.23
C ILE B 62 -3.65 -18.23 -0.05
N VAL B 63 -4.50 -17.21 -0.16
CA VAL B 63 -5.32 -17.04 -1.36
C VAL B 63 -5.14 -15.65 -1.95
N MET B 64 -5.10 -15.56 -3.28
CA MET B 64 -4.92 -14.27 -3.91
C MET B 64 -5.76 -14.10 -5.16
N CYS B 65 -6.21 -12.87 -5.37
CA CYS B 65 -6.93 -12.50 -6.58
C CYS B 65 -6.55 -11.04 -6.82
N GLY B 66 -7.11 -10.40 -7.84
CA GLY B 66 -6.75 -9.01 -8.11
C GLY B 66 -6.59 -8.16 -6.87
N THR B 67 -7.65 -8.08 -6.08
CA THR B 67 -7.64 -7.28 -4.86
C THR B 67 -7.58 -8.17 -3.61
N GLY B 68 -7.85 -9.46 -3.78
CA GLY B 68 -7.84 -10.38 -2.66
C GLY B 68 -9.18 -10.45 -1.96
N ILE B 69 -10.01 -9.42 -2.13
CA ILE B 69 -11.31 -9.40 -1.46
C ILE B 69 -12.20 -10.59 -1.81
N GLY B 70 -12.34 -10.88 -3.10
CA GLY B 70 -13.19 -12.00 -3.48
C GLY B 70 -12.76 -13.36 -2.97
N ILE B 71 -11.51 -13.72 -3.22
CA ILE B 71 -11.05 -15.03 -2.80
C ILE B 71 -10.90 -15.18 -1.29
N SER B 72 -10.55 -14.11 -0.58
CA SER B 72 -10.40 -14.21 0.87
C SER B 72 -11.78 -14.29 1.53
N THR B 73 -12.76 -13.63 0.93
CA THR B 73 -14.12 -13.67 1.46
C THR B 73 -14.68 -15.08 1.24
N ALA B 74 -14.40 -15.66 0.08
CA ALA B 74 -14.86 -17.01 -0.21
C ALA B 74 -14.23 -17.97 0.80
N ALA B 75 -12.94 -17.79 1.08
CA ALA B 75 -12.26 -18.67 2.04
C ALA B 75 -12.86 -18.53 3.44
N ASP B 76 -13.17 -17.31 3.83
CA ASP B 76 -13.72 -17.03 5.15
C ASP B 76 -15.08 -17.72 5.37
N LYS B 77 -15.83 -17.87 4.29
CA LYS B 77 -17.16 -18.47 4.35
C LYS B 77 -17.14 -20.00 4.33
N ASN B 78 -16.36 -20.57 5.24
CA ASN B 78 -16.22 -22.02 5.38
C ASN B 78 -16.03 -22.36 6.85
N GLU B 79 -16.50 -23.54 7.24
CA GLU B 79 -16.35 -23.99 8.62
C GLU B 79 -14.88 -24.12 8.99
N GLY B 80 -14.54 -23.71 10.20
CA GLY B 80 -13.18 -23.82 10.69
C GLY B 80 -12.15 -22.84 10.19
N ILE B 81 -12.57 -21.91 9.34
CA ILE B 81 -11.64 -20.93 8.79
C ILE B 81 -11.79 -19.52 9.35
N ARG B 82 -10.66 -18.85 9.50
CA ARG B 82 -10.61 -17.47 9.92
C ARG B 82 -9.66 -16.85 8.89
N ALA B 83 -10.25 -16.30 7.84
CA ALA B 83 -9.48 -15.70 6.74
C ALA B 83 -9.28 -14.21 6.94
N ALA B 84 -8.03 -13.78 6.87
CA ALA B 84 -7.69 -12.38 7.05
C ALA B 84 -7.19 -11.76 5.75
N MET B 85 -7.86 -10.69 5.32
CA MET B 85 -7.50 -9.99 4.10
C MET B 85 -6.47 -8.94 4.49
N CYS B 86 -5.21 -9.17 4.12
CA CYS B 86 -4.12 -8.26 4.50
C CYS B 86 -3.15 -7.83 3.39
N ASP B 87 -3.26 -6.59 2.95
CA ASP B 87 -2.35 -6.05 1.92
C ASP B 87 -1.14 -5.39 2.58
N ASP B 88 -0.96 -5.62 3.89
CA ASP B 88 0.17 -5.01 4.59
C ASP B 88 0.69 -5.95 5.68
N VAL B 89 1.96 -5.78 6.04
CA VAL B 89 2.59 -6.61 7.06
C VAL B 89 1.98 -6.43 8.45
N THR B 90 1.73 -5.18 8.83
CA THR B 90 1.19 -4.89 10.15
C THR B 90 -0.10 -5.63 10.50
N SER B 91 -1.11 -5.56 9.62
CA SER B 91 -2.37 -6.26 9.90
C SER B 91 -2.24 -7.77 9.73
N ALA B 92 -1.29 -8.22 8.91
CA ALA B 92 -1.08 -9.65 8.71
C ALA B 92 -0.53 -10.27 9.99
N VAL B 93 0.35 -9.54 10.67
CA VAL B 93 0.93 -10.02 11.91
C VAL B 93 -0.16 -10.01 12.98
N TYR B 94 -1.00 -8.98 12.96
CA TYR B 94 -2.10 -8.87 13.91
C TYR B 94 -3.06 -10.04 13.70
N ALA B 95 -3.33 -10.33 12.42
CA ALA B 95 -4.23 -11.42 12.07
C ALA B 95 -3.80 -12.76 12.65
N ARG B 96 -2.50 -13.03 12.60
CA ARG B 96 -1.97 -14.29 13.12
C ARG B 96 -1.84 -14.28 14.65
N GLU B 97 -1.24 -13.23 15.19
CA GLU B 97 -1.03 -13.13 16.64
C GLU B 97 -2.30 -12.98 17.48
N GLN B 98 -3.25 -12.19 16.98
CA GLN B 98 -4.48 -11.96 17.73
C GLN B 98 -5.70 -12.76 17.32
N LEU B 99 -5.89 -12.97 16.03
CA LEU B 99 -7.05 -13.72 15.57
C LEU B 99 -6.77 -15.16 15.14
N ASN B 100 -5.51 -15.58 15.25
CA ASN B 100 -5.11 -16.94 14.88
C ASN B 100 -5.64 -17.27 13.49
N ALA B 101 -5.61 -16.28 12.60
CA ALA B 101 -6.11 -16.47 11.23
C ALA B 101 -5.35 -17.63 10.58
N ASN B 102 -6.08 -18.53 9.91
CA ASN B 102 -5.42 -19.67 9.28
C ASN B 102 -5.41 -19.60 7.75
N VAL B 103 -5.95 -18.51 7.21
CA VAL B 103 -5.94 -18.27 5.77
C VAL B 103 -5.60 -16.81 5.57
N LEU B 104 -4.58 -16.55 4.76
CA LEU B 104 -4.14 -15.20 4.46
C LEU B 104 -4.55 -14.83 3.04
N GLY B 105 -5.18 -13.66 2.90
CA GLY B 105 -5.60 -13.20 1.59
C GLY B 105 -4.80 -11.97 1.18
N ILE B 106 -4.39 -11.91 -0.09
CA ILE B 106 -3.62 -10.78 -0.57
C ILE B 106 -4.06 -10.38 -1.97
N GLY B 107 -4.01 -9.08 -2.25
CA GLY B 107 -4.38 -8.58 -3.58
C GLY B 107 -3.14 -8.60 -4.46
N GLY B 108 -3.03 -9.62 -5.30
CA GLY B 108 -1.87 -9.74 -6.18
C GLY B 108 -1.68 -8.70 -7.26
N ALA B 109 -2.71 -7.90 -7.55
CA ALA B 109 -2.60 -6.87 -8.57
C ALA B 109 -2.47 -5.47 -7.97
N VAL B 110 -2.59 -5.38 -6.65
CA VAL B 110 -2.46 -4.07 -6.00
C VAL B 110 -1.23 -4.02 -5.09
N VAL B 111 -0.68 -5.18 -4.74
CA VAL B 111 0.52 -5.23 -3.91
C VAL B 111 1.66 -5.75 -4.78
N GLY B 112 2.82 -5.09 -4.70
CA GLY B 112 3.98 -5.51 -5.47
C GLY B 112 4.57 -6.78 -4.90
N VAL B 113 5.16 -7.61 -5.77
CA VAL B 113 5.74 -8.89 -5.33
C VAL B 113 6.68 -8.81 -4.13
N HIS B 114 7.55 -7.81 -4.06
CA HIS B 114 8.45 -7.73 -2.91
C HIS B 114 7.68 -7.57 -1.62
N LEU B 115 6.60 -6.80 -1.65
CA LEU B 115 5.79 -6.61 -0.45
C LEU B 115 4.94 -7.85 -0.20
N ILE B 116 4.51 -8.52 -1.27
CA ILE B 116 3.73 -9.74 -1.06
C ILE B 116 4.62 -10.75 -0.32
N GLN B 117 5.87 -10.83 -0.73
CA GLN B 117 6.79 -11.75 -0.08
C GLN B 117 6.94 -11.40 1.40
N ASP B 118 7.05 -10.11 1.70
CA ASP B 118 7.18 -9.66 3.09
C ASP B 118 5.94 -9.97 3.91
N ILE B 119 4.76 -9.81 3.31
CA ILE B 119 3.52 -10.10 4.02
C ILE B 119 3.44 -11.58 4.35
N VAL B 120 3.71 -12.42 3.36
CA VAL B 120 3.67 -13.86 3.54
C VAL B 120 4.65 -14.30 4.63
N LYS B 121 5.89 -13.83 4.52
CA LYS B 121 6.91 -14.18 5.51
C LYS B 121 6.53 -13.74 6.92
N ALA B 122 6.03 -12.52 7.06
CA ALA B 122 5.63 -11.99 8.36
C ALA B 122 4.49 -12.79 8.95
N TYR B 123 3.51 -13.11 8.10
CA TYR B 123 2.36 -13.88 8.53
C TYR B 123 2.78 -15.26 9.05
N LEU B 124 3.64 -15.93 8.29
CA LEU B 124 4.12 -17.26 8.65
C LEU B 124 5.03 -17.26 9.88
N ASP B 125 5.84 -16.23 10.02
CA ASP B 125 6.77 -16.12 11.15
C ASP B 125 6.06 -15.83 12.45
N ALA B 126 4.92 -15.14 12.34
CA ALA B 126 4.12 -14.78 13.49
C ALA B 126 3.53 -16.02 14.16
N THR B 127 3.21 -15.89 15.44
CA THR B 127 2.64 -17.00 16.20
C THR B 127 1.45 -16.51 17.01
N TYR B 128 0.38 -17.32 17.05
CA TYR B 128 -0.79 -16.94 17.82
C TYR B 128 -0.46 -16.98 19.30
N LYS B 129 -0.82 -15.91 20.00
CA LYS B 129 -0.57 -15.80 21.44
C LYS B 129 -1.93 -15.57 22.11
N GLU B 130 -2.51 -16.63 22.66
CA GLU B 130 -3.80 -16.55 23.30
C GLU B 130 -3.86 -15.61 24.51
N THR B 131 -4.96 -14.87 24.60
CA THR B 131 -5.22 -13.96 25.70
C THR B 131 -6.72 -14.01 25.94
N PRO B 132 -7.17 -13.66 27.16
CA PRO B 132 -8.62 -13.69 27.43
C PRO B 132 -9.39 -12.84 26.43
N GLU B 133 -8.76 -11.76 26.00
CA GLU B 133 -9.37 -10.83 25.06
C GLU B 133 -9.57 -11.45 23.67
N ASN B 134 -8.49 -11.89 23.02
CA ASN B 134 -8.65 -12.48 21.69
C ASN B 134 -9.31 -13.84 21.68
N LYS B 135 -9.26 -14.54 22.81
CA LYS B 135 -9.91 -15.85 22.89
C LYS B 135 -11.41 -15.65 22.71
N LYS B 136 -11.93 -14.59 23.31
CA LYS B 136 -13.35 -14.27 23.25
C LYS B 136 -13.75 -13.76 21.87
N LEU B 137 -12.85 -13.04 21.20
CA LEU B 137 -13.12 -12.52 19.87
C LEU B 137 -13.20 -13.69 18.87
N ILE B 138 -12.21 -14.57 18.98
CA ILE B 138 -12.13 -15.74 18.11
C ILE B 138 -13.35 -16.64 18.29
N ASP B 139 -13.76 -16.86 19.55
CA ASP B 139 -14.92 -17.69 19.80
C ASP B 139 -16.17 -17.12 19.13
N LYS B 140 -16.33 -15.80 19.22
CA LYS B 140 -17.48 -15.16 18.60
C LYS B 140 -17.45 -15.37 17.10
N ILE B 141 -16.29 -15.11 16.49
CA ILE B 141 -16.12 -15.28 15.06
C ILE B 141 -16.43 -16.70 14.61
N ASP B 142 -15.94 -17.68 15.36
CA ASP B 142 -16.15 -19.08 15.03
C ASP B 142 -17.61 -19.52 15.12
N ASN B 143 -18.43 -18.72 15.78
CA ASN B 143 -19.83 -19.08 15.95
C ASN B 143 -20.86 -18.22 15.23
N ILE B 144 -20.40 -17.38 14.30
CA ILE B 144 -21.33 -16.51 13.58
C ILE B 144 -22.11 -17.26 12.49
N ALA B 145 -21.38 -18.01 11.66
CA ALA B 145 -21.98 -18.74 10.57
C ALA B 145 -22.69 -20.01 10.99
N LYS B 146 -23.73 -20.37 10.24
CA LYS B 146 -24.48 -21.59 10.49
C LYS B 146 -23.98 -22.64 9.51
N PRO B 147 -23.38 -23.72 10.02
CA PRO B 147 -22.84 -24.81 9.19
C PRO B 147 -23.84 -25.39 8.20
N ASN B 148 -23.38 -25.62 6.97
CA ASN B 148 -24.21 -26.21 5.93
C ASN B 148 -23.53 -27.47 5.42
N PRO B 149 -24.03 -28.65 5.83
CA PRO B 149 -23.43 -29.92 5.40
C PRO B 149 -23.37 -30.08 3.88
N ASP B 150 -24.28 -29.42 3.17
CA ASP B 150 -24.30 -29.53 1.72
C ASP B 150 -23.11 -28.81 1.08
N GLN B 151 -22.53 -27.86 1.82
CA GLN B 151 -21.36 -27.14 1.30
C GLN B 151 -20.07 -27.81 1.74
N LYS B 152 -20.03 -28.26 2.99
CA LYS B 152 -18.85 -28.90 3.55
C LYS B 152 -18.36 -30.11 2.74
N ASP B 153 -17.12 -30.03 2.29
CA ASP B 153 -16.49 -31.10 1.51
C ASP B 153 -17.22 -31.50 0.23
N ASN B 154 -17.98 -30.56 -0.32
CA ASN B 154 -18.72 -30.82 -1.56
C ASN B 154 -18.05 -30.01 -2.67
N PRO B 155 -17.23 -30.66 -3.50
CA PRO B 155 -16.55 -29.97 -4.60
C PRO B 155 -17.48 -29.58 -5.74
N HIS B 156 -18.70 -30.10 -5.72
CA HIS B 156 -19.68 -29.81 -6.75
C HIS B 156 -20.62 -28.69 -6.33
N PHE B 157 -20.30 -28.04 -5.22
CA PHE B 157 -21.14 -26.98 -4.69
C PHE B 157 -21.51 -25.85 -5.65
N PHE B 158 -20.61 -25.52 -6.56
CA PHE B 158 -20.86 -24.44 -7.52
C PHE B 158 -21.20 -24.91 -8.93
N ASP B 159 -21.48 -26.20 -9.09
CA ASP B 159 -21.78 -26.75 -10.42
C ASP B 159 -22.94 -26.06 -11.14
N ALA B 160 -23.97 -25.68 -10.40
CA ALA B 160 -25.12 -25.01 -11.00
C ALA B 160 -24.71 -23.68 -11.64
N GLU B 161 -23.85 -22.93 -10.94
CA GLU B 161 -23.39 -21.66 -11.46
C GLU B 161 -22.48 -21.89 -12.67
N LEU B 162 -21.62 -22.89 -12.57
CA LEU B 162 -20.70 -23.19 -13.64
C LEU B 162 -21.45 -23.58 -14.92
N GLU B 163 -22.57 -24.27 -14.76
CA GLU B 163 -23.36 -24.67 -15.92
C GLU B 163 -24.00 -23.42 -16.55
N LYS B 164 -24.49 -22.53 -15.70
CA LYS B 164 -25.11 -21.30 -16.17
C LYS B 164 -24.08 -20.46 -16.94
N TRP B 165 -22.83 -20.51 -16.49
CA TRP B 165 -21.77 -19.76 -17.13
C TRP B 165 -21.50 -20.35 -18.51
N ALA B 166 -21.45 -21.67 -18.58
CA ALA B 166 -21.20 -22.37 -19.84
C ALA B 166 -22.33 -22.12 -20.83
N GLU B 167 -23.53 -21.87 -20.30
CA GLU B 167 -24.69 -21.62 -21.15
C GLU B 167 -24.88 -20.15 -21.50
N GLY B 168 -23.90 -19.32 -21.13
CA GLY B 168 -23.96 -17.91 -21.44
C GLY B 168 -24.91 -17.05 -20.62
N VAL B 169 -25.38 -17.56 -19.49
CA VAL B 169 -26.30 -16.81 -18.65
C VAL B 169 -25.66 -15.53 -18.09
N TYR B 170 -24.37 -15.60 -17.79
CA TYR B 170 -23.65 -14.47 -17.22
C TYR B 170 -22.90 -13.62 -18.23
N HIS B 171 -23.62 -13.11 -19.24
CA HIS B 171 -23.00 -12.27 -20.26
C HIS B 171 -22.97 -10.81 -19.82
N ASP B 172 -22.12 -10.02 -20.47
CA ASP B 172 -22.03 -8.59 -20.17
C ASP B 172 -22.97 -7.80 -21.08
N MET C 21 21.43 3.35 20.22
CA MET C 21 21.33 4.05 18.91
C MET C 21 20.60 5.38 19.06
N ASP C 22 20.93 6.33 18.18
CA ASP C 22 20.31 7.64 18.20
C ASP C 22 19.35 7.83 17.03
N VAL C 23 18.34 8.66 17.24
CA VAL C 23 17.35 8.94 16.21
C VAL C 23 17.01 10.42 16.24
N ILE C 24 17.02 11.05 15.07
CA ILE C 24 16.70 12.47 14.95
C ILE C 24 15.25 12.55 14.46
N ILE C 25 14.43 13.36 15.11
CA ILE C 25 13.04 13.49 14.68
C ILE C 25 12.57 14.95 14.61
N GLY C 26 11.56 15.19 13.79
CA GLY C 26 11.02 16.53 13.63
C GLY C 26 9.68 16.48 12.96
N ALA C 27 8.90 17.55 13.07
CA ALA C 27 7.57 17.57 12.47
C ALA C 27 7.00 18.96 12.29
N ASP C 28 6.07 19.10 11.36
CA ASP C 28 5.40 20.37 11.16
C ASP C 28 4.11 20.26 11.96
N LYS C 29 3.19 21.19 11.80
CA LYS C 29 1.94 21.14 12.56
C LYS C 29 1.11 19.88 12.32
N ASP C 30 1.11 19.37 11.10
CA ASP C 30 0.33 18.18 10.78
C ASP C 30 0.90 16.88 11.33
N GLY C 31 2.23 16.78 11.42
CA GLY C 31 2.81 15.55 11.92
C GLY C 31 3.19 15.59 13.38
N PHE C 32 3.00 16.73 14.02
CA PHE C 32 3.37 16.90 15.43
C PHE C 32 2.80 15.85 16.38
N ALA C 33 1.49 15.61 16.28
CA ALA C 33 0.85 14.64 17.17
C ALA C 33 1.51 13.26 17.11
N MET C 34 1.70 12.75 15.90
CA MET C 34 2.33 11.44 15.78
C MET C 34 3.78 11.48 16.25
N LYS C 35 4.46 12.59 15.98
CA LYS C 35 5.85 12.74 16.39
C LYS C 35 5.96 12.58 17.90
N GLU C 36 5.07 13.22 18.62
CA GLU C 36 5.07 13.14 20.08
C GLU C 36 4.81 11.70 20.54
N GLN C 37 3.93 11.00 19.85
CA GLN C 37 3.63 9.62 20.19
C GLN C 37 4.85 8.72 19.96
N VAL C 38 5.50 8.91 18.82
CA VAL C 38 6.67 8.13 18.49
C VAL C 38 7.83 8.45 19.41
N LYS C 39 7.94 9.71 19.82
CA LYS C 39 8.99 10.13 20.73
C LYS C 39 8.89 9.34 22.03
N LYS C 40 7.69 9.27 22.57
CA LYS C 40 7.45 8.54 23.82
C LYS C 40 7.76 7.07 23.59
N TYR C 41 7.35 6.55 22.43
CA TYR C 41 7.60 5.16 22.09
C TYR C 41 9.10 4.86 22.09
N LEU C 42 9.85 5.63 21.31
CA LEU C 42 11.29 5.44 21.20
C LEU C 42 12.00 5.56 22.55
N GLU C 43 11.62 6.54 23.36
CA GLU C 43 12.24 6.73 24.66
C GLU C 43 11.96 5.55 25.58
N GLU C 44 10.75 4.99 25.47
CA GLU C 44 10.37 3.85 26.30
C GLU C 44 11.02 2.56 25.81
N HIS C 45 11.76 2.64 24.71
CA HIS C 45 12.43 1.48 24.15
C HIS C 45 13.94 1.63 24.06
N GLN C 46 14.50 2.36 25.03
CA GLN C 46 15.94 2.59 25.13
C GLN C 46 16.59 3.37 23.99
N TYR C 47 15.79 4.13 23.26
CA TYR C 47 16.33 4.93 22.15
C TYR C 47 16.62 6.37 22.60
N ARG C 48 17.76 6.89 22.15
CA ARG C 48 18.14 8.26 22.47
C ARG C 48 17.60 9.12 21.33
N VAL C 49 16.65 9.99 21.64
CA VAL C 49 16.03 10.84 20.62
C VAL C 49 16.40 12.31 20.66
N ALA C 50 16.66 12.85 19.47
CA ALA C 50 16.99 14.26 19.33
C ALA C 50 15.83 14.91 18.58
N ASP C 51 14.98 15.60 19.32
CA ASP C 51 13.81 16.27 18.77
C ASP C 51 14.19 17.70 18.39
N VAL C 52 14.23 17.98 17.09
CA VAL C 52 14.60 19.32 16.62
C VAL C 52 13.40 20.25 16.50
N THR C 53 12.22 19.75 16.83
CA THR C 53 11.01 20.56 16.76
C THR C 53 10.14 20.35 18.00
N PRO C 54 10.62 20.79 19.18
CA PRO C 54 9.88 20.64 20.43
C PRO C 54 8.49 21.24 20.27
N GLU C 55 8.42 22.26 19.42
CA GLU C 55 7.16 22.92 19.07
C GLU C 55 7.06 22.68 17.57
N PRO C 56 5.85 22.50 17.03
CA PRO C 56 5.71 22.26 15.59
C PRO C 56 6.36 23.32 14.71
N ALA C 57 7.02 22.87 13.65
CA ALA C 57 7.68 23.78 12.72
C ALA C 57 6.65 24.54 11.89
N GLU C 58 7.08 25.64 11.29
CA GLU C 58 6.22 26.49 10.47
C GLU C 58 5.56 25.68 9.35
N ASP C 59 6.34 24.80 8.74
CA ASP C 59 5.86 23.93 7.67
C ASP C 59 6.84 22.78 7.50
N PHE C 60 6.57 21.89 6.54
CA PHE C 60 7.44 20.74 6.33
C PHE C 60 8.81 21.06 5.75
N VAL C 61 8.95 22.25 5.16
CA VAL C 61 10.26 22.61 4.61
C VAL C 61 11.15 22.90 5.81
N GLU C 62 10.64 23.68 6.75
CA GLU C 62 11.42 24.04 7.93
C GLU C 62 11.75 22.82 8.78
N SER C 63 10.77 21.94 8.99
CA SER C 63 11.01 20.75 9.80
C SER C 63 11.95 19.75 9.13
N SER C 64 11.75 19.51 7.84
CA SER C 64 12.61 18.55 7.14
C SER C 64 14.05 19.05 7.03
N LEU C 65 14.21 20.35 6.81
CA LEU C 65 15.54 20.92 6.71
C LEU C 65 16.23 20.92 8.08
N ALA C 66 15.44 21.09 9.14
CA ALA C 66 15.99 21.09 10.49
C ALA C 66 16.51 19.70 10.84
N VAL C 67 15.75 18.68 10.46
CA VAL C 67 16.16 17.31 10.73
C VAL C 67 17.41 16.98 9.91
N THR C 68 17.43 17.44 8.67
CA THR C 68 18.56 17.20 7.77
C THR C 68 19.85 17.84 8.30
N LYS C 69 19.73 19.09 8.74
CA LYS C 69 20.88 19.82 9.27
C LYS C 69 21.45 19.12 10.49
N LYS C 70 20.59 18.74 11.42
CA LYS C 70 21.00 18.06 12.64
C LYS C 70 21.62 16.69 12.35
N LEU C 71 21.12 16.02 11.32
CA LEU C 71 21.62 14.70 10.97
C LEU C 71 23.01 14.77 10.34
N LEU C 72 23.14 15.56 9.27
CA LEU C 72 24.41 15.71 8.59
C LEU C 72 25.47 16.32 9.50
N ASN C 73 25.02 16.87 10.63
CA ASN C 73 25.91 17.48 11.60
C ASN C 73 25.81 16.74 12.93
N SER C 74 25.90 15.42 12.87
CA SER C 74 25.80 14.57 14.06
C SER C 74 26.35 13.19 13.74
N ASP C 75 26.44 12.32 14.75
CA ASP C 75 26.94 10.98 14.54
C ASP C 75 25.81 9.96 14.42
N ALA C 76 24.59 10.45 14.25
CA ALA C 76 23.43 9.58 14.12
C ALA C 76 23.24 9.33 12.62
N HIS C 77 22.75 8.14 12.27
CA HIS C 77 22.54 7.82 10.86
C HIS C 77 21.08 7.50 10.54
N LYS C 78 20.19 7.83 11.46
CA LYS C 78 18.77 7.57 11.23
C LYS C 78 17.91 8.72 11.74
N ALA C 79 16.88 9.04 10.98
CA ALA C 79 15.99 10.14 11.33
C ALA C 79 14.58 9.89 10.82
N ILE C 80 13.60 10.51 11.47
CA ILE C 80 12.20 10.37 11.06
C ILE C 80 11.55 11.74 10.97
N MET C 81 10.99 12.04 9.80
CA MET C 81 10.32 13.31 9.57
C MET C 81 8.81 13.06 9.50
N PHE C 82 8.05 13.91 10.19
CA PHE C 82 6.60 13.76 10.21
C PHE C 82 5.88 14.97 9.64
N ASP C 83 4.92 14.71 8.76
CA ASP C 83 4.10 15.76 8.17
C ASP C 83 2.80 15.10 7.72
N ARG C 84 1.97 15.81 6.97
CA ARG C 84 0.69 15.26 6.57
C ARG C 84 0.75 14.16 5.51
N TYR C 85 1.56 14.35 4.49
CA TYR C 85 1.65 13.39 3.39
C TYR C 85 2.98 12.70 3.14
N GLY C 86 4.03 13.12 3.85
CA GLY C 86 5.33 12.50 3.66
C GLY C 86 6.08 13.04 2.45
N VAL C 87 5.38 13.13 1.33
CA VAL C 87 5.97 13.63 0.08
C VAL C 87 6.72 14.96 0.21
N GLY C 88 6.11 15.92 0.89
CA GLY C 88 6.73 17.22 1.05
C GLY C 88 8.07 17.22 1.73
N SER C 89 8.16 16.55 2.89
CA SER C 89 9.42 16.49 3.62
C SER C 89 10.53 15.85 2.79
N ALA C 90 10.19 14.81 2.04
CA ALA C 90 11.20 14.15 1.21
C ALA C 90 11.59 15.03 0.04
N MET C 91 10.60 15.67 -0.58
CA MET C 91 10.87 16.53 -1.73
C MET C 91 11.81 17.66 -1.35
N ALA C 92 11.59 18.24 -0.18
CA ALA C 92 12.41 19.35 0.29
C ALA C 92 13.80 18.92 0.77
N SER C 93 13.84 17.95 1.69
CA SER C 93 15.10 17.50 2.23
C SER C 93 16.02 16.85 1.18
N ASN C 94 15.44 16.26 0.14
CA ASN C 94 16.28 15.63 -0.87
C ASN C 94 16.98 16.64 -1.76
N LYS C 95 16.61 17.92 -1.63
CA LYS C 95 17.25 18.96 -2.42
C LYS C 95 18.62 19.29 -1.82
N VAL C 96 18.81 18.92 -0.56
CA VAL C 96 20.07 19.18 0.12
C VAL C 96 21.14 18.20 -0.36
N LYS C 97 22.30 18.72 -0.74
CA LYS C 97 23.37 17.86 -1.22
C LYS C 97 23.80 16.83 -0.18
N GLY C 98 23.82 15.57 -0.60
CA GLY C 98 24.22 14.49 0.30
C GLY C 98 23.09 13.87 1.10
N MET C 99 21.93 14.52 1.11
CA MET C 99 20.80 13.99 1.87
C MET C 99 20.02 12.95 1.05
N VAL C 100 19.48 11.96 1.74
CA VAL C 100 18.69 10.90 1.10
C VAL C 100 17.51 10.62 2.04
N THR C 101 16.31 11.02 1.62
CA THR C 101 15.10 10.85 2.42
C THR C 101 14.07 10.00 1.72
N ALA C 102 13.57 9.00 2.42
CA ALA C 102 12.58 8.09 1.86
C ALA C 102 11.18 8.22 2.45
N VAL C 103 10.21 8.50 1.58
CA VAL C 103 8.83 8.57 2.04
C VAL C 103 8.52 7.08 2.25
N VAL C 104 7.95 6.71 3.39
CA VAL C 104 7.64 5.30 3.60
C VAL C 104 6.20 5.11 4.03
N GLU C 105 5.49 4.25 3.31
CA GLU C 105 4.08 3.95 3.58
C GLU C 105 3.85 2.46 3.82
N GLU C 106 4.83 1.63 3.49
CA GLU C 106 4.66 0.21 3.71
C GLU C 106 5.90 -0.45 4.30
N GLU C 107 5.75 -1.68 4.76
CA GLU C 107 6.81 -2.40 5.44
C GLU C 107 7.98 -2.97 4.66
N ASN C 108 7.93 -2.95 3.33
CA ASN C 108 9.06 -3.46 2.56
C ASN C 108 10.07 -2.35 2.37
N THR C 109 9.61 -1.18 1.94
CA THR C 109 10.49 -0.04 1.73
C THR C 109 11.14 0.33 3.06
N ALA C 110 10.41 0.16 4.15
CA ALA C 110 10.90 0.48 5.48
C ALA C 110 12.30 -0.07 5.70
N HIS C 111 12.54 -1.31 5.31
CA HIS C 111 13.87 -1.89 5.47
C HIS C 111 14.72 -1.80 4.22
N MET C 112 14.11 -2.00 3.05
CA MET C 112 14.88 -1.94 1.81
C MET C 112 15.56 -0.60 1.54
N THR C 113 14.93 0.50 1.91
CA THR C 113 15.55 1.80 1.65
C THR C 113 16.78 1.99 2.53
N ALA C 114 16.77 1.33 3.68
CA ALA C 114 17.91 1.41 4.59
C ALA C 114 19.02 0.51 4.06
N GLU C 115 18.65 -0.70 3.67
CA GLU C 115 19.62 -1.68 3.16
C GLU C 115 20.29 -1.25 1.87
N HIS C 116 19.51 -0.78 0.91
CA HIS C 116 20.04 -0.36 -0.38
C HIS C 116 20.42 1.11 -0.47
N ASN C 117 19.54 2.00 -0.04
CA ASN C 117 19.80 3.44 -0.13
C ASN C 117 20.51 4.06 1.07
N GLY C 118 20.58 3.33 2.17
CA GLY C 118 21.21 3.88 3.36
C GLY C 118 20.49 5.17 3.72
N ALA C 119 19.18 5.18 3.46
CA ALA C 119 18.34 6.34 3.74
C ALA C 119 18.70 7.00 5.07
N LYS C 120 19.06 8.27 5.01
CA LYS C 120 19.43 9.00 6.21
C LYS C 120 18.20 9.38 7.02
N ALA C 121 17.04 9.30 6.39
CA ALA C 121 15.80 9.62 7.07
C ALA C 121 14.61 9.10 6.30
N ILE C 122 13.52 8.83 7.01
CA ILE C 122 12.29 8.39 6.36
C ILE C 122 11.26 9.45 6.71
N ALA C 123 10.30 9.64 5.82
CA ALA C 123 9.23 10.62 6.03
C ALA C 123 7.91 9.89 6.10
N ILE C 124 7.14 10.17 7.13
CA ILE C 124 5.83 9.54 7.34
C ILE C 124 4.73 10.59 7.27
N GLY C 125 3.72 10.31 6.46
CA GLY C 125 2.59 11.24 6.32
C GLY C 125 1.49 10.78 7.27
N THR C 126 1.15 11.62 8.24
CA THR C 126 0.12 11.27 9.22
C THR C 126 -1.28 11.18 8.66
N GLY C 127 -1.50 11.76 7.48
CA GLY C 127 -2.81 11.69 6.87
C GLY C 127 -2.89 10.48 5.96
N ILE C 128 -1.77 9.79 5.82
CA ILE C 128 -1.69 8.61 4.96
C ILE C 128 -1.53 7.31 5.73
N THR C 129 -0.59 7.30 6.67
CA THR C 129 -0.25 6.11 7.44
C THR C 129 -0.75 6.12 8.89
N GLY C 130 -1.47 5.07 9.28
CA GLY C 130 -1.99 4.95 10.62
C GLY C 130 -0.86 4.73 11.62
N TYR C 131 -1.10 5.06 12.89
CA TYR C 131 -0.06 4.93 13.91
C TYR C 131 0.54 3.54 14.10
N ASP C 132 -0.29 2.50 14.17
CA ASP C 132 0.23 1.15 14.36
C ASP C 132 1.15 0.74 13.22
N ARG C 133 0.77 1.10 12.00
CA ARG C 133 1.61 0.76 10.85
C ARG C 133 2.89 1.58 10.90
N ALA C 134 2.77 2.83 11.31
CA ALA C 134 3.93 3.72 11.41
C ALA C 134 4.98 3.11 12.33
N LEU C 135 4.55 2.55 13.46
CA LEU C 135 5.51 1.96 14.38
C LEU C 135 6.25 0.76 13.78
N VAL C 136 5.55 -0.06 13.01
CA VAL C 136 6.19 -1.21 12.39
C VAL C 136 7.21 -0.72 11.36
N ILE C 137 6.81 0.29 10.59
CA ILE C 137 7.67 0.88 9.57
C ILE C 137 8.93 1.44 10.23
N ILE C 138 8.73 2.21 11.30
CA ILE C 138 9.84 2.81 12.01
C ILE C 138 10.80 1.77 12.59
N GLN C 139 10.25 0.73 13.22
CA GLN C 139 11.09 -0.30 13.80
C GLN C 139 11.92 -1.01 12.72
N ARG C 140 11.29 -1.34 11.60
CA ARG C 140 12.01 -2.02 10.53
C ARG C 140 13.14 -1.13 10.00
N TYR C 141 12.85 0.17 9.90
CA TYR C 141 13.85 1.12 9.42
C TYR C 141 15.03 1.21 10.39
N LEU C 142 14.72 1.35 11.68
CA LEU C 142 15.75 1.46 12.71
C LEU C 142 16.57 0.18 12.87
N ASP C 143 15.96 -0.97 12.66
CA ASP C 143 16.66 -2.25 12.81
C ASP C 143 17.47 -2.68 11.60
N THR C 144 17.45 -1.89 10.53
CA THR C 144 18.17 -2.26 9.32
C THR C 144 19.38 -1.38 9.02
N GLU C 145 20.49 -2.03 8.70
CA GLU C 145 21.72 -1.32 8.39
C GLU C 145 21.99 -1.31 6.89
N TYR C 146 22.80 -0.34 6.45
CA TYR C 146 23.16 -0.19 5.05
C TYR C 146 24.08 -1.33 4.63
N ALA C 147 23.76 -1.99 3.54
CA ALA C 147 24.54 -3.11 3.05
C ALA C 147 25.87 -2.72 2.39
N GLY C 148 25.93 -1.50 1.87
CA GLY C 148 27.14 -1.06 1.21
C GLY C 148 27.44 -1.92 0.00
N GLY C 149 28.71 -2.22 -0.24
CA GLY C 149 29.06 -3.04 -1.38
C GLY C 149 28.73 -2.40 -2.71
N ARG C 150 28.07 -3.15 -3.58
CA ARG C 150 27.72 -2.66 -4.92
C ARG C 150 26.78 -1.45 -4.90
N HIS C 151 25.99 -1.33 -3.85
CA HIS C 151 25.04 -0.22 -3.74
C HIS C 151 25.71 1.14 -3.59
N GLN C 152 26.97 1.15 -3.18
CA GLN C 152 27.68 2.40 -2.98
C GLN C 152 27.79 3.25 -4.24
N ILE C 153 27.78 2.61 -5.41
CA ILE C 153 27.88 3.38 -6.64
C ILE C 153 26.69 4.30 -6.78
N ARG C 154 25.51 3.80 -6.41
CA ARG C 154 24.31 4.62 -6.51
C ARG C 154 24.30 5.75 -5.49
N LEU C 155 24.80 5.49 -4.29
CA LEU C 155 24.86 6.53 -3.26
C LEU C 155 25.90 7.58 -3.65
N ASP C 156 26.96 7.15 -4.31
CA ASP C 156 28.00 8.08 -4.76
C ASP C 156 27.42 8.99 -5.83
N MET C 157 26.57 8.41 -6.69
CA MET C 157 25.95 9.20 -7.76
C MET C 157 25.01 10.25 -7.16
N LEU C 158 24.20 9.85 -6.19
CA LEU C 158 23.27 10.77 -5.56
C LEU C 158 23.97 11.92 -4.84
N GLU C 159 25.01 11.60 -4.08
CA GLU C 159 25.74 12.62 -3.34
C GLU C 159 26.39 13.65 -4.25
N LYS C 160 26.66 13.24 -5.49
CA LYS C 160 27.29 14.09 -6.48
C LYS C 160 26.30 15.14 -7.00
N MET C 161 25.01 14.83 -6.90
CA MET C 161 23.95 15.71 -7.38
C MET C 161 23.62 16.83 -6.40
N ILE C 162 22.99 17.89 -6.89
CA ILE C 162 22.64 19.04 -6.05
C ILE C 162 21.62 18.74 -4.96
N MET D 1 0.32 16.07 -24.90
CA MET D 1 1.28 16.19 -23.77
C MET D 1 2.34 15.09 -23.87
N ILE D 2 3.54 15.42 -23.41
CA ILE D 2 4.66 14.47 -23.47
C ILE D 2 5.08 14.04 -22.06
N ILE D 3 5.17 12.73 -21.86
CA ILE D 3 5.57 12.19 -20.56
C ILE D 3 6.89 11.45 -20.70
N ALA D 4 7.88 11.85 -19.91
CA ALA D 4 9.18 11.18 -19.92
C ALA D 4 9.12 10.12 -18.84
N ILE D 5 9.61 8.91 -19.13
CA ILE D 5 9.58 7.85 -18.13
C ILE D 5 10.94 7.17 -18.06
N GLY D 6 11.26 6.70 -16.85
CA GLY D 6 12.54 6.04 -16.64
C GLY D 6 12.44 5.01 -15.53
N ASN D 7 13.42 4.12 -15.46
CA ASN D 7 13.40 3.06 -14.46
C ASN D 7 14.72 2.33 -14.38
N ASP D 8 14.89 1.53 -13.33
CA ASP D 8 16.08 0.71 -13.26
C ASP D 8 15.61 -0.68 -13.66
N HIS D 9 16.53 -1.63 -13.68
CA HIS D 9 16.28 -3.01 -14.10
C HIS D 9 15.29 -3.84 -13.29
N ILE D 10 15.03 -3.45 -12.06
CA ILE D 10 14.11 -4.19 -11.21
C ILE D 10 12.65 -4.09 -11.64
N VAL D 11 12.30 -2.96 -12.26
CA VAL D 11 10.91 -2.72 -12.64
C VAL D 11 10.65 -2.42 -14.11
N THR D 12 11.50 -2.93 -14.99
CA THR D 12 11.33 -2.69 -16.41
C THR D 12 9.97 -3.17 -16.90
N MET D 13 9.50 -4.30 -16.37
CA MET D 13 8.20 -4.84 -16.77
C MET D 13 7.06 -3.91 -16.38
N GLN D 14 7.15 -3.30 -15.20
CA GLN D 14 6.11 -2.39 -14.74
C GLN D 14 6.16 -1.11 -15.58
N LYS D 15 7.36 -0.68 -15.94
CA LYS D 15 7.50 0.51 -16.76
C LYS D 15 6.81 0.27 -18.11
N ILE D 16 7.03 -0.91 -18.66
CA ILE D 16 6.41 -1.24 -19.95
C ILE D 16 4.88 -1.16 -19.86
N GLU D 17 4.32 -1.65 -18.76
CA GLU D 17 2.86 -1.60 -18.60
C GLU D 17 2.36 -0.16 -18.57
N ILE D 18 3.08 0.71 -17.86
CA ILE D 18 2.68 2.11 -17.77
C ILE D 18 2.89 2.84 -19.09
N SER D 19 3.97 2.50 -19.79
CA SER D 19 4.24 3.13 -21.08
C SER D 19 3.10 2.80 -22.02
N ASN D 20 2.70 1.53 -22.06
CA ASN D 20 1.59 1.08 -22.90
C ASN D 20 0.34 1.88 -22.57
N MET D 21 0.02 1.97 -21.29
CA MET D 21 -1.18 2.69 -20.85
C MET D 21 -1.15 4.15 -21.28
N LEU D 22 -0.03 4.82 -21.07
CA LEU D 22 0.09 6.23 -21.44
C LEU D 22 -0.17 6.43 -22.92
N LYS D 23 0.35 5.53 -23.75
CA LYS D 23 0.14 5.65 -25.19
C LYS D 23 -1.32 5.41 -25.54
N ASP D 24 -1.95 4.45 -24.89
CA ASP D 24 -3.37 4.18 -25.16
C ASP D 24 -4.20 5.42 -24.78
N MET D 25 -3.73 6.15 -23.78
CA MET D 25 -4.42 7.35 -23.31
C MET D 25 -4.16 8.58 -24.18
N GLY D 26 -3.32 8.43 -25.20
CA GLY D 26 -3.05 9.54 -26.09
C GLY D 26 -1.81 10.37 -25.79
N TYR D 27 -1.04 9.95 -24.79
CA TYR D 27 0.18 10.67 -24.42
C TYR D 27 1.36 10.25 -25.29
N THR D 28 2.27 11.19 -25.51
CA THR D 28 3.49 10.92 -26.27
C THR D 28 4.47 10.54 -25.16
N VAL D 29 5.21 9.45 -25.37
CA VAL D 29 6.15 8.99 -24.35
C VAL D 29 7.60 9.03 -24.79
N ILE D 30 8.46 9.50 -23.90
CA ILE D 30 9.90 9.51 -24.14
C ILE D 30 10.43 8.53 -23.09
N ASP D 31 10.81 7.33 -23.53
CA ASP D 31 11.33 6.31 -22.61
C ASP D 31 12.85 6.48 -22.48
N GLU D 32 13.29 6.83 -21.27
CA GLU D 32 14.69 7.05 -20.94
C GLU D 32 15.26 5.93 -20.06
N GLY D 33 14.45 5.50 -19.09
CA GLY D 33 14.80 4.44 -18.15
C GLY D 33 15.45 3.30 -18.88
N THR D 34 15.97 2.31 -18.15
CA THR D 34 16.63 1.21 -18.83
C THR D 34 15.64 0.38 -19.64
N TYR D 35 16.14 -0.18 -20.74
CA TYR D 35 15.29 -0.94 -21.65
C TYR D 35 15.25 -2.45 -21.45
N ASP D 36 16.20 -3.00 -20.71
CA ASP D 36 16.19 -4.43 -20.44
C ASP D 36 16.22 -4.63 -18.93
N THR D 37 16.65 -5.79 -18.46
CA THR D 37 16.70 -6.02 -17.02
C THR D 37 18.09 -6.34 -16.51
N HIS D 38 19.09 -5.83 -17.25
CA HIS D 38 20.49 -6.01 -16.90
C HIS D 38 20.80 -5.03 -15.76
N ARG D 39 21.49 -5.51 -14.73
CA ARG D 39 21.80 -4.66 -13.59
C ARG D 39 22.39 -3.32 -13.97
N THR D 40 21.71 -2.24 -13.55
CA THR D 40 22.16 -0.90 -13.82
C THR D 40 21.91 0.02 -12.62
N HIS D 41 22.00 1.33 -12.80
CA HIS D 41 21.90 2.27 -11.70
C HIS D 41 20.83 3.34 -11.83
N TYR D 42 19.89 3.33 -10.90
CA TYR D 42 18.77 4.27 -10.94
C TYR D 42 19.07 5.77 -11.13
N PRO D 43 20.18 6.28 -10.57
CA PRO D 43 20.41 7.71 -10.75
C PRO D 43 20.53 8.15 -12.21
N ILE D 44 21.06 7.27 -13.05
CA ILE D 44 21.23 7.56 -14.46
C ILE D 44 19.92 7.93 -15.12
N TYR D 45 18.91 7.10 -14.91
CA TYR D 45 17.61 7.31 -15.52
C TYR D 45 16.81 8.40 -14.84
N GLY D 46 17.03 8.57 -13.54
CA GLY D 46 16.33 9.62 -12.82
C GLY D 46 16.78 10.97 -13.36
N LYS D 47 18.09 11.09 -13.64
CA LYS D 47 18.62 12.34 -14.17
C LYS D 47 18.14 12.63 -15.58
N LYS D 48 18.08 11.60 -16.43
CA LYS D 48 17.62 11.77 -17.80
C LYS D 48 16.18 12.27 -17.84
N VAL D 49 15.32 11.64 -17.05
CA VAL D 49 13.91 12.04 -17.01
C VAL D 49 13.79 13.45 -16.46
N ALA D 50 14.53 13.76 -15.41
CA ALA D 50 14.49 15.08 -14.80
C ALA D 50 14.84 16.15 -15.83
N GLU D 51 15.91 15.95 -16.58
CA GLU D 51 16.32 16.93 -17.57
C GLU D 51 15.33 17.08 -18.73
N ASP D 52 14.64 16.01 -19.10
CA ASP D 52 13.66 16.11 -20.17
C ASP D 52 12.58 17.11 -19.74
N VAL D 53 12.13 16.98 -18.50
CA VAL D 53 11.11 17.86 -17.96
C VAL D 53 11.65 19.29 -17.76
N ALA D 54 12.79 19.40 -17.10
CA ALA D 54 13.37 20.71 -16.84
C ALA D 54 13.71 21.50 -18.09
N ASP D 55 14.10 20.80 -19.16
CA ASP D 55 14.47 21.45 -20.41
C ASP D 55 13.31 21.67 -21.37
N GLY D 56 12.13 21.22 -21.00
CA GLY D 56 10.96 21.40 -21.85
C GLY D 56 10.72 20.36 -22.92
N ARG D 57 11.47 19.25 -22.88
CA ARG D 57 11.27 18.20 -23.87
C ARG D 57 10.06 17.34 -23.50
N ALA D 58 9.70 17.37 -22.22
CA ALA D 58 8.56 16.63 -21.71
C ALA D 58 7.82 17.50 -20.70
N ASP D 59 6.51 17.33 -20.61
CA ASP D 59 5.70 18.11 -19.68
C ASP D 59 5.81 17.62 -18.24
N LEU D 60 5.84 16.30 -18.08
CA LEU D 60 5.94 15.68 -16.77
C LEU D 60 6.76 14.40 -16.88
N GLY D 61 7.24 13.91 -15.74
CA GLY D 61 8.02 12.68 -15.75
C GLY D 61 7.53 11.67 -14.74
N ILE D 62 7.80 10.40 -15.03
CA ILE D 62 7.43 9.30 -14.13
C ILE D 62 8.68 8.44 -14.02
N VAL D 63 9.10 8.14 -12.80
CA VAL D 63 10.27 7.31 -12.59
C VAL D 63 9.99 6.19 -11.60
N MET D 64 10.53 5.01 -11.89
CA MET D 64 10.30 3.88 -11.02
C MET D 64 11.49 2.97 -10.81
N CYS D 65 11.60 2.44 -9.61
CA CYS D 65 12.63 1.46 -9.28
C CYS D 65 11.95 0.56 -8.27
N GLY D 66 12.68 -0.37 -7.66
CA GLY D 66 12.07 -1.28 -6.70
C GLY D 66 11.12 -0.63 -5.71
N THR D 67 11.65 0.33 -4.96
CA THR D 67 10.87 1.06 -3.97
C THR D 67 10.51 2.44 -4.48
N GLY D 68 11.23 2.91 -5.50
CA GLY D 68 10.99 4.23 -6.06
C GLY D 68 11.82 5.31 -5.36
N ILE D 69 12.33 4.99 -4.18
CA ILE D 69 13.11 5.96 -3.41
C ILE D 69 14.35 6.45 -4.14
N GLY D 70 15.16 5.51 -4.61
CA GLY D 70 16.38 5.90 -5.30
C GLY D 70 16.18 6.75 -6.53
N ILE D 71 15.36 6.29 -7.47
CA ILE D 71 15.18 7.03 -8.70
C ILE D 71 14.42 8.34 -8.53
N SER D 72 13.48 8.41 -7.60
CA SER D 72 12.73 9.66 -7.40
C SER D 72 13.62 10.69 -6.69
N THR D 73 14.52 10.22 -5.84
CA THR D 73 15.44 11.11 -5.15
C THR D 73 16.41 11.68 -6.18
N ALA D 74 16.89 10.82 -7.08
CA ALA D 74 17.80 11.26 -8.12
C ALA D 74 17.10 12.31 -8.98
N ALA D 75 15.84 12.07 -9.32
CA ALA D 75 15.10 13.03 -10.13
C ALA D 75 14.94 14.35 -9.40
N ASP D 76 14.71 14.28 -8.09
CA ASP D 76 14.51 15.49 -7.29
C ASP D 76 15.78 16.34 -7.25
N LYS D 77 16.93 15.70 -7.29
CA LYS D 77 18.22 16.40 -7.24
C LYS D 77 18.63 17.00 -8.58
N ASN D 78 17.75 17.79 -9.17
CA ASN D 78 17.99 18.44 -10.46
C ASN D 78 17.26 19.78 -10.49
N GLU D 79 17.84 20.73 -11.21
CA GLU D 79 17.25 22.07 -11.34
C GLU D 79 15.89 22.01 -12.03
N GLY D 80 14.94 22.79 -11.53
CA GLY D 80 13.61 22.86 -12.12
C GLY D 80 12.66 21.73 -11.80
N ILE D 81 13.12 20.78 -10.98
CA ILE D 81 12.29 19.62 -10.63
C ILE D 81 11.78 19.56 -9.19
N ARG D 82 10.55 19.05 -9.07
CA ARG D 82 9.91 18.82 -7.78
C ARG D 82 9.39 17.40 -7.96
N ALA D 83 10.15 16.43 -7.45
CA ALA D 83 9.78 15.03 -7.57
C ALA D 83 9.00 14.53 -6.36
N ALA D 84 7.87 13.90 -6.61
CA ALA D 84 7.02 13.38 -5.56
C ALA D 84 7.03 11.85 -5.53
N MET D 85 7.53 11.29 -4.42
CA MET D 85 7.57 9.85 -4.23
C MET D 85 6.21 9.42 -3.68
N CYS D 86 5.39 8.81 -4.52
CA CYS D 86 4.05 8.42 -4.13
C CYS D 86 3.58 7.00 -4.45
N ASP D 87 3.47 6.16 -3.42
CA ASP D 87 2.99 4.80 -3.62
C ASP D 87 1.47 4.75 -3.41
N ASP D 88 0.82 5.90 -3.36
CA ASP D 88 -0.62 5.96 -3.16
C ASP D 88 -1.26 7.09 -3.95
N VAL D 89 -2.53 6.95 -4.27
CA VAL D 89 -3.26 7.97 -5.03
C VAL D 89 -3.41 9.28 -4.27
N THR D 90 -3.74 9.18 -2.99
CA THR D 90 -3.96 10.36 -2.17
C THR D 90 -2.80 11.37 -2.17
N SER D 91 -1.60 10.92 -1.83
CA SER D 91 -0.46 11.84 -1.80
C SER D 91 -0.02 12.29 -3.18
N ALA D 92 -0.29 11.47 -4.20
CA ALA D 92 0.08 11.84 -5.57
C ALA D 92 -0.76 13.02 -6.04
N VAL D 93 -2.04 13.00 -5.67
CA VAL D 93 -2.94 14.09 -6.05
C VAL D 93 -2.53 15.35 -5.28
N TYR D 94 -2.17 15.19 -4.00
CA TYR D 94 -1.72 16.31 -3.19
C TYR D 94 -0.45 16.91 -3.81
N ALA D 95 0.47 16.03 -4.21
CA ALA D 95 1.72 16.47 -4.81
C ALA D 95 1.49 17.33 -6.04
N ARG D 96 0.54 16.94 -6.88
CA ARG D 96 0.24 17.68 -8.09
C ARG D 96 -0.55 18.97 -7.81
N GLU D 97 -1.60 18.86 -7.00
CA GLU D 97 -2.44 20.01 -6.69
C GLU D 97 -1.82 21.07 -5.79
N GLN D 98 -1.03 20.66 -4.82
CA GLN D 98 -0.43 21.61 -3.89
C GLN D 98 1.03 21.96 -4.15
N LEU D 99 1.83 20.97 -4.54
CA LEU D 99 3.25 21.22 -4.77
C LEU D 99 3.64 21.31 -6.24
N ASN D 100 2.65 21.21 -7.12
CA ASN D 100 2.88 21.27 -8.57
C ASN D 100 4.04 20.37 -8.96
N ALA D 101 4.11 19.18 -8.35
CA ALA D 101 5.18 18.24 -8.65
C ALA D 101 5.17 17.91 -10.14
N ASN D 102 6.36 17.89 -10.75
CA ASN D 102 6.45 17.60 -12.17
C ASN D 102 7.10 16.25 -12.49
N VAL D 103 7.45 15.50 -11.45
CA VAL D 103 8.00 14.16 -11.62
C VAL D 103 7.36 13.28 -10.53
N LEU D 104 6.80 12.15 -10.95
CA LEU D 104 6.15 11.22 -10.05
C LEU D 104 7.02 9.97 -9.92
N GLY D 105 7.27 9.57 -8.68
CA GLY D 105 8.07 8.37 -8.43
C GLY D 105 7.19 7.29 -7.83
N ILE D 106 7.39 6.04 -8.25
CA ILE D 106 6.60 4.92 -7.72
C ILE D 106 7.47 3.67 -7.55
N GLY D 107 7.19 2.90 -6.51
CA GLY D 107 7.93 1.67 -6.26
C GLY D 107 7.28 0.54 -7.02
N GLY D 108 7.87 0.18 -8.16
CA GLY D 108 7.30 -0.87 -9.00
C GLY D 108 7.33 -2.28 -8.45
N ALA D 109 8.10 -2.50 -7.39
CA ALA D 109 8.18 -3.84 -6.81
C ALA D 109 7.36 -3.93 -5.53
N VAL D 110 6.86 -2.80 -5.06
CA VAL D 110 6.06 -2.80 -3.84
C VAL D 110 4.59 -2.45 -4.09
N VAL D 111 4.31 -1.85 -5.25
CA VAL D 111 2.94 -1.49 -5.61
C VAL D 111 2.52 -2.36 -6.80
N GLY D 112 1.32 -2.92 -6.73
CA GLY D 112 0.82 -3.77 -7.81
C GLY D 112 0.47 -2.92 -9.02
N VAL D 113 0.58 -3.51 -10.21
CA VAL D 113 0.30 -2.77 -11.44
C VAL D 113 -1.04 -2.06 -11.52
N HIS D 114 -2.13 -2.68 -11.01
CA HIS D 114 -3.42 -2.01 -11.06
C HIS D 114 -3.38 -0.72 -10.25
N LEU D 115 -2.72 -0.76 -9.11
CA LEU D 115 -2.62 0.44 -8.27
C LEU D 115 -1.65 1.44 -8.89
N ILE D 116 -0.59 0.95 -9.54
CA ILE D 116 0.34 1.89 -10.18
C ILE D 116 -0.42 2.67 -11.25
N GLN D 117 -1.24 1.97 -12.02
CA GLN D 117 -2.04 2.60 -13.07
C GLN D 117 -2.93 3.69 -12.48
N ASP D 118 -3.54 3.38 -11.32
CA ASP D 118 -4.42 4.33 -10.65
C ASP D 118 -3.68 5.56 -10.15
N ILE D 119 -2.47 5.35 -9.64
CA ILE D 119 -1.67 6.46 -9.13
C ILE D 119 -1.29 7.39 -10.28
N VAL D 120 -0.83 6.80 -11.38
CA VAL D 120 -0.42 7.57 -12.54
C VAL D 120 -1.59 8.37 -13.11
N LYS D 121 -2.73 7.72 -13.31
CA LYS D 121 -3.90 8.41 -13.83
C LYS D 121 -4.35 9.54 -12.92
N ALA D 122 -4.36 9.30 -11.61
CA ALA D 122 -4.78 10.32 -10.66
C ALA D 122 -3.82 11.51 -10.68
N TYR D 123 -2.52 11.22 -10.73
CA TYR D 123 -1.50 12.26 -10.77
C TYR D 123 -1.67 13.12 -12.03
N LEU D 124 -1.85 12.46 -13.16
CA LEU D 124 -1.99 13.14 -14.45
C LEU D 124 -3.29 13.94 -14.56
N ASP D 125 -4.35 13.41 -13.99
CA ASP D 125 -5.66 14.06 -14.04
C ASP D 125 -5.71 15.29 -13.14
N ALA D 126 -4.96 15.26 -12.04
CA ALA D 126 -4.93 16.36 -11.09
C ALA D 126 -4.34 17.62 -11.73
N THR D 127 -4.72 18.78 -11.19
CA THR D 127 -4.23 20.05 -11.69
C THR D 127 -3.72 20.91 -10.54
N TYR D 128 -2.61 21.60 -10.77
CA TYR D 128 -2.05 22.46 -9.74
C TYR D 128 -3.00 23.63 -9.49
N LYS D 129 -3.36 23.85 -8.23
CA LYS D 129 -4.27 24.93 -7.85
C LYS D 129 -3.48 25.90 -6.97
N GLU D 130 -2.88 26.89 -7.60
CA GLU D 130 -2.06 27.87 -6.89
C GLU D 130 -2.76 28.71 -5.83
N THR D 131 -2.08 28.88 -4.70
CA THR D 131 -2.57 29.70 -3.60
C THR D 131 -1.34 30.40 -3.04
N PRO D 132 -1.53 31.55 -2.37
CA PRO D 132 -0.36 32.24 -1.82
C PRO D 132 0.43 31.31 -0.90
N GLU D 133 -0.30 30.41 -0.24
CA GLU D 133 0.29 29.44 0.69
C GLU D 133 1.21 28.41 0.02
N ASN D 134 0.70 27.69 -0.98
CA ASN D 134 1.54 26.69 -1.63
C ASN D 134 2.59 27.30 -2.53
N LYS D 135 2.37 28.54 -2.98
CA LYS D 135 3.37 29.18 -3.84
C LYS D 135 4.61 29.47 -2.99
N LYS D 136 4.39 29.80 -1.73
CA LYS D 136 5.48 30.09 -0.82
C LYS D 136 6.27 28.81 -0.54
N LEU D 137 5.55 27.71 -0.38
CA LEU D 137 6.17 26.42 -0.11
C LEU D 137 7.01 25.99 -1.32
N ILE D 138 6.40 26.09 -2.50
CA ILE D 138 7.08 25.72 -3.74
C ILE D 138 8.33 26.56 -3.96
N ASP D 139 8.22 27.87 -3.79
CA ASP D 139 9.39 28.74 -3.98
C ASP D 139 10.52 28.35 -3.03
N LYS D 140 10.18 28.00 -1.80
CA LYS D 140 11.19 27.59 -0.83
C LYS D 140 11.87 26.32 -1.32
N ILE D 141 11.06 25.37 -1.78
CA ILE D 141 11.59 24.12 -2.29
C ILE D 141 12.52 24.35 -3.49
N ASP D 142 12.10 25.24 -4.39
CA ASP D 142 12.89 25.55 -5.59
C ASP D 142 14.21 26.24 -5.28
N ASN D 143 14.36 26.76 -4.06
CA ASN D 143 15.58 27.48 -3.71
C ASN D 143 16.48 26.82 -2.68
N ILE D 144 16.23 25.55 -2.38
CA ILE D 144 17.05 24.83 -1.40
C ILE D 144 18.40 24.42 -1.95
N ALA D 145 18.40 23.82 -3.13
CA ALA D 145 19.63 23.36 -3.76
C ALA D 145 20.36 24.48 -4.47
N LYS D 146 21.68 24.35 -4.55
CA LYS D 146 22.50 25.34 -5.23
C LYS D 146 22.83 24.76 -6.60
N PRO D 147 22.42 25.46 -7.67
CA PRO D 147 22.67 25.02 -9.05
C PRO D 147 24.14 24.70 -9.34
N ASN D 148 24.37 23.59 -10.03
CA ASN D 148 25.72 23.18 -10.41
C ASN D 148 25.79 23.02 -11.92
N PRO D 149 26.43 23.98 -12.60
CA PRO D 149 26.57 23.95 -14.07
C PRO D 149 27.22 22.69 -14.63
N ASP D 150 28.02 22.01 -13.81
CA ASP D 150 28.69 20.79 -14.25
C ASP D 150 27.75 19.59 -14.33
N GLN D 151 26.61 19.66 -13.64
CA GLN D 151 25.64 18.57 -13.68
C GLN D 151 24.58 18.83 -14.73
N LYS D 152 24.10 20.07 -14.79
CA LYS D 152 23.06 20.49 -15.72
C LYS D 152 23.35 20.17 -17.18
N ASP D 153 22.54 19.27 -17.74
CA ASP D 153 22.66 18.87 -19.14
C ASP D 153 24.01 18.26 -19.52
N ASN D 154 24.67 17.64 -18.54
CA ASN D 154 25.96 17.00 -18.79
C ASN D 154 25.77 15.49 -18.82
N PRO D 155 25.74 14.90 -20.02
CA PRO D 155 25.56 13.45 -20.20
C PRO D 155 26.71 12.59 -19.67
N HIS D 156 27.86 13.20 -19.43
CA HIS D 156 29.02 12.48 -18.93
C HIS D 156 29.18 12.65 -17.43
N PHE D 157 28.17 13.23 -16.80
CA PHE D 157 28.20 13.48 -15.36
C PHE D 157 28.58 12.29 -14.49
N PHE D 158 28.12 11.09 -14.84
CA PHE D 158 28.42 9.91 -14.04
C PHE D 158 29.50 9.00 -14.62
N ASP D 159 30.16 9.45 -15.67
CA ASP D 159 31.21 8.66 -16.30
C ASP D 159 32.25 8.15 -15.31
N ALA D 160 32.57 8.96 -14.32
CA ALA D 160 33.55 8.59 -13.31
C ALA D 160 33.14 7.32 -12.56
N GLU D 161 31.90 7.32 -12.06
CA GLU D 161 31.38 6.17 -11.32
C GLU D 161 31.19 4.94 -12.20
N LEU D 162 30.80 5.16 -13.45
CA LEU D 162 30.59 4.05 -14.38
C LEU D 162 31.89 3.34 -14.69
N GLU D 163 32.98 4.10 -14.78
CA GLU D 163 34.29 3.51 -15.07
C GLU D 163 34.71 2.65 -13.88
N LYS D 164 34.58 3.21 -12.68
CA LYS D 164 34.93 2.50 -11.46
C LYS D 164 34.13 1.21 -11.35
N TRP D 165 32.90 1.23 -11.85
CA TRP D 165 32.04 0.04 -11.82
C TRP D 165 32.58 -0.99 -12.81
N ALA D 166 33.00 -0.52 -13.97
CA ALA D 166 33.54 -1.41 -15.00
C ALA D 166 34.88 -1.97 -14.54
N GLU D 167 35.51 -1.30 -13.58
CA GLU D 167 36.81 -1.73 -13.07
C GLU D 167 36.68 -2.53 -11.78
N GLY D 168 35.45 -2.94 -11.45
CA GLY D 168 35.23 -3.73 -10.25
C GLY D 168 35.46 -3.03 -8.92
N VAL D 169 35.41 -1.70 -8.92
CA VAL D 169 35.62 -0.94 -7.69
C VAL D 169 34.47 -1.14 -6.72
N TYR D 170 33.27 -1.36 -7.26
CA TYR D 170 32.07 -1.53 -6.45
C TYR D 170 31.63 -2.98 -6.27
N HIS D 171 32.55 -3.86 -5.87
CA HIS D 171 32.22 -5.26 -5.67
C HIS D 171 31.57 -5.45 -4.30
N ASP D 172 30.97 -6.61 -4.08
CA ASP D 172 30.33 -6.92 -2.80
C ASP D 172 31.28 -7.75 -1.94
#